data_3HRY
#
_entry.id   3HRY
#
_cell.length_a   71.951
_cell.length_b   71.951
_cell.length_c   68.007
_cell.angle_alpha   90.00
_cell.angle_beta   90.00
_cell.angle_gamma   120.00
#
_symmetry.space_group_name_H-M   'P 31 2 1'
#
loop_
_entity.id
_entity.type
_entity.pdbx_description
1 polymer 'Prevent host death protein'
2 water water
#
_entity_poly.entity_id   1
_entity_poly.type   'polypeptide(L)'
_entity_poly.pdbx_seq_one_letter_code
;MQSINFRTARGNLSEVLNNVEAGEEVEITRRGREPAVIVSKATFEAYKKAALDAEFASLFDTLDSTNKELVNR
;
_entity_poly.pdbx_strand_id   A,B,C
#
# COMPACT_ATOMS: atom_id res chain seq x y z
N MET A 1 -7.25 -7.53 3.44
CA MET A 1 -6.83 -6.83 2.24
C MET A 1 -7.09 -7.67 0.99
N GLN A 2 -8.00 -7.20 0.14
CA GLN A 2 -8.38 -7.81 -1.13
C GLN A 2 -7.16 -7.83 -2.08
N SER A 3 -7.04 -8.87 -2.89
CA SER A 3 -5.91 -8.96 -3.82
C SER A 3 -6.36 -9.42 -5.20
N ILE A 4 -6.17 -8.58 -6.21
CA ILE A 4 -6.56 -8.91 -7.58
C ILE A 4 -5.41 -8.75 -8.57
N ASN A 5 -5.54 -9.29 -9.75
CA ASN A 5 -4.56 -9.16 -10.82
C ASN A 5 -4.83 -7.89 -11.60
N PHE A 6 -3.89 -7.55 -12.45
CA PHE A 6 -3.88 -6.32 -13.20
C PHE A 6 -5.07 -6.26 -14.12
N ARG A 7 -5.35 -7.37 -14.73
CA ARG A 7 -6.39 -7.49 -15.76
C ARG A 7 -7.82 -7.58 -15.18
N THR A 8 -7.95 -7.93 -13.91
CA THR A 8 -9.23 -7.85 -13.20
C THR A 8 -9.39 -6.43 -12.65
N ALA A 9 -8.24 -5.79 -12.42
CA ALA A 9 -8.17 -4.37 -12.05
C ALA A 9 -8.51 -3.44 -13.21
N ARG A 10 -7.94 -3.66 -14.38
CA ARG A 10 -8.30 -2.88 -15.55
C ARG A 10 -9.79 -2.94 -15.67
N GLY A 11 -10.27 -4.16 -15.77
CA GLY A 11 -11.68 -4.39 -16.03
C GLY A 11 -12.68 -3.84 -15.04
N ASN A 12 -12.54 -4.19 -13.76
CA ASN A 12 -13.54 -3.81 -12.78
C ASN A 12 -13.09 -2.69 -11.84
N LEU A 13 -12.14 -1.86 -12.30
CA LEU A 13 -11.56 -0.76 -11.52
C LEU A 13 -12.59 0.17 -10.86
N SER A 14 -13.63 0.51 -11.62
CA SER A 14 -14.72 1.32 -11.11
C SER A 14 -15.29 0.70 -9.84
N GLU A 15 -15.73 -0.55 -9.95
CA GLU A 15 -16.29 -1.30 -8.83
C GLU A 15 -15.26 -1.55 -7.74
N VAL A 16 -13.98 -1.29 -8.05
CA VAL A 16 -12.89 -1.52 -7.10
C VAL A 16 -12.66 -0.28 -6.27
N LEU A 17 -12.84 0.88 -6.89
CA LEU A 17 -12.63 2.13 -6.19
C LEU A 17 -13.79 2.35 -5.20
N ASN A 18 -14.96 1.84 -5.57
CA ASN A 18 -16.12 1.94 -4.69
C ASN A 18 -15.79 1.16 -3.46
N ASN A 19 -14.96 0.13 -3.64
CA ASN A 19 -14.48 -0.77 -2.59
C ASN A 19 -13.40 -0.20 -1.71
N VAL A 20 -12.43 0.48 -2.33
CA VAL A 20 -11.34 1.08 -1.56
C VAL A 20 -11.87 2.30 -0.84
N GLU A 21 -12.99 2.79 -1.32
CA GLU A 21 -13.68 3.92 -0.72
C GLU A 21 -14.53 3.46 0.45
N ALA A 22 -14.50 2.16 0.70
CA ALA A 22 -15.30 1.59 1.78
C ALA A 22 -14.42 1.12 2.91
N GLY A 23 -13.12 1.08 2.66
CA GLY A 23 -12.16 0.64 3.66
C GLY A 23 -11.15 -0.39 3.17
N GLU A 24 -11.33 -0.81 1.92
CA GLU A 24 -10.49 -1.85 1.34
C GLU A 24 -9.18 -1.33 0.76
N GLU A 25 -8.19 -2.21 0.79
CA GLU A 25 -6.92 -2.00 0.14
C GLU A 25 -6.77 -3.13 -0.85
N VAL A 26 -6.75 -2.79 -2.14
CA VAL A 26 -6.75 -3.78 -3.21
C VAL A 26 -5.39 -3.87 -3.91
N GLU A 27 -4.77 -5.05 -3.82
CA GLU A 27 -3.40 -5.28 -4.28
C GLU A 27 -3.28 -5.74 -5.74
N ILE A 28 -3.12 -4.84 -6.68
CA ILE A 28 -3.02 -5.24 -8.07
C ILE A 28 -1.69 -5.91 -8.34
N THR A 29 -1.69 -7.22 -8.50
CA THR A 29 -0.49 -7.99 -8.80
C THR A 29 -0.29 -8.09 -10.30
N ARG A 30 0.94 -8.39 -10.73
CA ARG A 30 1.23 -8.62 -12.14
C ARG A 30 2.31 -9.69 -12.30
N ARG A 31 2.46 -10.20 -13.51
CA ARG A 31 3.41 -11.29 -13.79
C ARG A 31 4.87 -10.83 -13.81
N GLY A 32 5.70 -11.45 -12.98
CA GLY A 32 7.11 -11.09 -12.86
C GLY A 32 7.25 -9.69 -12.28
N ARG A 33 6.13 -9.04 -12.08
CA ARG A 33 6.15 -7.67 -11.65
C ARG A 33 5.82 -7.52 -10.19
N GLU A 34 6.34 -6.49 -9.60
CA GLU A 34 6.10 -6.23 -8.19
C GLU A 34 4.77 -5.51 -7.99
N PRO A 35 4.07 -5.85 -6.91
CA PRO A 35 2.71 -5.44 -6.56
C PRO A 35 2.43 -3.93 -6.33
N ALA A 36 1.38 -3.44 -6.98
CA ALA A 36 0.80 -2.13 -6.71
C ALA A 36 -0.47 -2.29 -5.87
N VAL A 37 -0.59 -1.48 -4.82
CA VAL A 37 -1.74 -1.55 -3.97
C VAL A 37 -2.48 -0.24 -4.03
N ILE A 38 -3.76 -0.28 -3.67
CA ILE A 38 -4.63 0.89 -3.74
C ILE A 38 -5.38 1.09 -2.45
N VAL A 39 -5.09 2.20 -1.79
CA VAL A 39 -5.70 2.56 -0.54
C VAL A 39 -6.32 3.93 -0.79
N SER A 40 -7.40 4.28 -0.11
CA SER A 40 -8.01 5.59 -0.31
C SER A 40 -7.07 6.71 0.08
N LYS A 41 -7.41 7.95 -0.30
CA LYS A 41 -6.51 9.08 -0.04
C LYS A 41 -6.44 9.43 1.47
N ALA A 42 -7.58 9.40 2.16
CA ALA A 42 -7.59 9.67 3.60
C ALA A 42 -6.71 8.67 4.35
N THR A 43 -7.03 7.39 4.23
CA THR A 43 -6.26 6.36 4.91
C THR A 43 -4.82 6.30 4.45
N PHE A 44 -4.53 6.79 3.26
CA PHE A 44 -3.16 6.70 2.74
C PHE A 44 -2.20 7.77 3.26
N GLU A 45 -2.63 9.04 3.24
CA GLU A 45 -1.76 10.14 3.70
C GLU A 45 -1.89 10.31 5.21
N ALA A 46 -2.62 9.38 5.83
CA ALA A 46 -2.80 9.36 7.28
C ALA A 46 -1.81 8.39 7.91
N TYR A 47 -1.55 7.27 7.23
CA TYR A 47 -0.49 6.35 7.63
C TYR A 47 0.85 6.94 7.22
N LYS A 48 0.80 7.90 6.30
CA LYS A 48 1.97 8.63 5.86
C LYS A 48 2.41 9.79 6.76
N LYS A 49 1.48 10.70 7.04
CA LYS A 49 1.73 11.75 8.03
C LYS A 49 2.18 11.16 9.34
N ALA A 50 1.43 10.19 9.83
CA ALA A 50 1.75 9.55 11.10
C ALA A 50 2.77 8.45 10.93
N ALA A 51 3.51 8.45 9.83
CA ALA A 51 4.55 7.46 9.63
C ALA A 51 5.86 8.12 10.01
N LEU A 52 5.89 9.43 9.81
CA LEU A 52 7.07 10.19 10.15
C LEU A 52 6.89 10.77 11.52
N ASP A 53 6.07 10.09 12.33
CA ASP A 53 5.71 10.62 13.62
C ASP A 53 5.25 12.05 13.35
N ALA A 54 4.22 12.17 12.53
CA ALA A 54 3.95 13.38 11.75
C ALA A 54 4.01 14.76 12.40
N GLU A 55 4.51 15.75 11.64
CA GLU A 55 4.90 15.52 10.25
C GLU A 55 5.84 16.56 9.60
N PHE A 56 6.36 16.22 8.41
CA PHE A 56 7.29 17.06 7.66
C PHE A 56 7.38 17.03 6.12
N ALA A 57 7.09 15.86 5.54
CA ALA A 57 7.15 15.62 4.09
C ALA A 57 8.50 15.58 3.36
N SER A 58 8.60 16.38 2.28
N SER A 58 8.64 16.41 2.31
CA SER A 58 9.81 16.48 1.47
CA SER A 58 9.90 16.36 1.56
C SER A 58 10.48 15.11 1.24
C SER A 58 10.00 17.48 0.53
N LEU A 59 11.81 15.14 1.19
N LEU A 59 9.88 17.13 -0.75
CA LEU A 59 12.62 13.95 0.94
CA LEU A 59 9.84 18.14 -1.80
C LEU A 59 12.86 13.21 2.23
C LEU A 59 8.53 18.91 -1.67
N PHE A 60 12.44 13.82 3.34
N PHE A 60 7.53 18.25 -1.11
CA PHE A 60 12.51 13.21 4.65
CA PHE A 60 6.17 18.77 -1.02
C PHE A 60 11.81 11.86 4.60
C PHE A 60 5.88 19.47 0.27
N ASP A 61 10.75 11.79 3.81
N ASP A 61 6.88 19.70 1.09
CA ASP A 61 9.96 10.57 3.69
CA ASP A 61 6.72 20.55 2.24
C ASP A 61 10.71 9.52 2.90
C ASP A 61 7.10 21.95 1.82
N THR A 62 11.24 9.89 1.74
N THR A 62 6.51 22.40 0.71
CA THR A 62 12.01 8.94 0.94
CA THR A 62 6.68 23.75 0.25
C THR A 62 13.33 8.61 1.61
C THR A 62 6.58 23.97 -1.26
N LEU A 63 13.63 9.35 2.68
N LEU A 63 5.60 23.37 -1.91
CA LEU A 63 14.85 9.14 3.43
CA LEU A 63 4.61 22.53 -1.29
C LEU A 63 14.56 8.53 4.80
C LEU A 63 3.67 23.35 -0.46
N ASP A 64 13.46 7.79 4.90
N ASP A 64 3.86 24.66 -0.51
CA ASP A 64 13.19 6.96 6.06
CA ASP A 64 3.07 25.70 0.17
C ASP A 64 12.88 5.54 5.60
C ASP A 64 3.96 26.79 0.72
N SER A 65 13.51 5.14 4.49
N SER A 65 3.92 26.93 2.04
CA SER A 65 13.27 3.83 3.88
CA SER A 65 4.77 27.87 2.77
C SER A 65 14.35 3.45 2.87
C SER A 65 5.16 27.20 4.08
N THR A 66 4.72 27.78 5.18
CA THR A 66 3.92 28.99 5.17
C THR A 66 3.41 29.29 6.56
N ASN A 67 4.32 29.68 7.45
CA ASN A 67 3.96 29.96 8.84
C ASN A 67 2.84 30.98 9.00
N MET B 1 3.10 11.43 -13.12
CA MET B 1 2.13 12.38 -12.58
C MET B 1 1.26 11.77 -11.52
N GLN B 2 1.06 12.48 -10.43
CA GLN B 2 0.30 11.98 -9.34
C GLN B 2 -1.13 12.40 -9.30
N SER B 3 -1.67 12.94 -10.37
CA SER B 3 -3.10 13.02 -10.45
C SER B 3 -3.61 12.62 -11.79
N ILE B 4 -4.50 11.65 -11.74
CA ILE B 4 -4.97 10.93 -12.92
C ILE B 4 -6.46 10.67 -12.67
N ASN B 5 -7.30 11.10 -13.60
CA ASN B 5 -8.73 10.81 -13.54
C ASN B 5 -9.05 9.33 -13.68
N PHE B 6 -10.33 8.97 -13.60
CA PHE B 6 -10.72 7.58 -13.75
C PHE B 6 -10.46 7.08 -15.17
N ARG B 7 -10.88 7.87 -16.15
CA ARG B 7 -10.72 7.50 -17.56
C ARG B 7 -9.26 7.36 -17.97
N THR B 8 -8.39 8.12 -17.33
CA THR B 8 -6.97 8.11 -17.67
C THR B 8 -6.21 7.03 -16.92
N ALA B 9 -6.79 6.52 -15.84
CA ALA B 9 -6.15 5.50 -15.03
C ALA B 9 -6.28 4.11 -15.66
N ARG B 10 -7.51 3.70 -15.92
CA ARG B 10 -7.76 2.39 -16.51
C ARG B 10 -7.29 2.34 -17.96
N GLY B 11 -7.58 3.38 -18.69
CA GLY B 11 -7.11 3.45 -20.03
C GLY B 11 -5.63 3.32 -20.14
N ASN B 12 -4.93 3.36 -19.02
CA ASN B 12 -3.47 3.34 -19.12
C ASN B 12 -2.77 2.68 -17.97
N LEU B 13 -3.44 1.75 -17.34
CA LEU B 13 -2.92 1.14 -16.16
C LEU B 13 -1.55 0.57 -16.36
N SER B 14 -1.25 0.07 -17.56
CA SER B 14 0.06 -0.50 -17.83
C SER B 14 1.11 0.51 -17.40
N GLU B 15 1.02 1.72 -17.91
CA GLU B 15 2.00 2.73 -17.57
C GLU B 15 1.84 3.14 -16.16
N VAL B 16 0.64 3.02 -15.65
CA VAL B 16 0.33 3.51 -14.30
C VAL B 16 1.10 2.80 -13.20
N LEU B 17 1.13 1.46 -13.27
CA LEU B 17 1.89 0.63 -12.33
C LEU B 17 3.42 0.74 -12.55
N ASN B 18 3.84 0.84 -13.81
CA ASN B 18 5.24 1.05 -14.21
C ASN B 18 5.88 2.23 -13.46
N ASN B 19 5.10 3.27 -13.30
CA ASN B 19 5.52 4.47 -12.65
C ASN B 19 5.27 4.42 -11.16
N VAL B 20 4.38 3.53 -10.76
CA VAL B 20 4.15 3.22 -9.35
C VAL B 20 5.33 2.41 -8.80
N GLU B 21 5.77 1.44 -9.55
CA GLU B 21 6.90 0.68 -9.13
C GLU B 21 8.11 1.58 -8.99
N ALA B 22 8.11 2.69 -9.70
CA ALA B 22 9.31 3.43 -9.86
C ALA B 22 9.75 4.50 -8.88
N GLY B 23 9.09 4.79 -7.77
CA GLY B 23 7.70 4.62 -7.47
C GLY B 23 7.00 5.90 -7.02
N GLU B 24 6.24 6.43 -7.96
CA GLU B 24 5.26 7.48 -7.76
C GLU B 24 4.07 7.05 -6.87
N GLU B 25 3.50 8.00 -6.17
CA GLU B 25 2.20 7.84 -5.58
C GLU B 25 1.26 8.48 -6.57
N VAL B 26 0.51 7.66 -7.26
CA VAL B 26 -0.48 8.10 -8.24
C VAL B 26 -1.87 8.20 -7.62
N GLU B 27 -2.55 9.31 -7.89
CA GLU B 27 -3.90 9.53 -7.36
C GLU B 27 -5.00 9.42 -8.43
N ILE B 28 -5.90 8.45 -8.25
CA ILE B 28 -6.97 8.22 -9.21
C ILE B 28 -8.27 8.89 -8.78
N THR B 29 -8.56 10.04 -9.37
CA THR B 29 -9.73 10.82 -9.00
C THR B 29 -10.95 10.51 -9.88
N ARG B 30 -12.13 10.59 -9.30
CA ARG B 30 -13.34 10.29 -10.07
C ARG B 30 -14.42 11.33 -9.95
N ARG B 31 -15.26 11.37 -10.96
CA ARG B 31 -16.23 12.45 -11.06
C ARG B 31 -17.30 12.39 -9.97
N GLY B 32 -17.03 13.08 -8.87
CA GLY B 32 -17.97 13.19 -7.77
C GLY B 32 -17.57 12.33 -6.58
N ARG B 33 -16.64 11.41 -6.82
CA ARG B 33 -16.25 10.41 -5.82
C ARG B 33 -14.93 10.74 -5.15
N GLU B 34 -14.70 10.16 -3.97
CA GLU B 34 -13.51 10.43 -3.19
C GLU B 34 -12.26 10.03 -3.97
N PRO B 35 -11.15 10.70 -3.73
CA PRO B 35 -9.91 10.46 -4.43
C PRO B 35 -9.19 9.23 -3.89
N ALA B 36 -8.47 8.53 -4.76
CA ALA B 36 -7.68 7.39 -4.33
C ALA B 36 -6.18 7.65 -4.53
N VAL B 37 -5.36 6.70 -4.09
CA VAL B 37 -3.93 6.79 -4.27
C VAL B 37 -3.39 5.42 -4.55
N ILE B 38 -2.78 5.24 -5.71
CA ILE B 38 -2.13 3.97 -6.00
C ILE B 38 -0.63 4.04 -5.83
N VAL B 39 -0.12 3.39 -4.79
CA VAL B 39 1.29 3.42 -4.44
C VAL B 39 1.75 1.98 -4.35
N SER B 40 3.04 1.75 -4.55
CA SER B 40 3.56 0.38 -4.57
C SER B 40 3.29 -0.36 -3.25
N LYS B 41 2.83 -1.61 -3.31
CA LYS B 41 2.57 -2.33 -2.07
C LYS B 41 3.76 -2.22 -1.13
N ALA B 42 4.93 -2.54 -1.64
CA ALA B 42 6.15 -2.54 -0.85
C ALA B 42 6.20 -1.32 0.08
N THR B 43 5.81 -0.17 -0.45
CA THR B 43 5.98 1.10 0.25
C THR B 43 4.89 1.38 1.27
N PHE B 44 3.64 1.15 0.90
CA PHE B 44 2.55 1.34 1.84
C PHE B 44 2.70 0.37 3.02
N GLU B 45 3.07 -0.87 2.75
CA GLU B 45 3.31 -1.82 3.83
C GLU B 45 4.25 -1.24 4.85
N ALA B 46 5.10 -0.29 4.43
CA ALA B 46 6.01 0.40 5.34
C ALA B 46 5.38 1.64 5.97
N TYR B 47 4.58 2.39 5.21
CA TYR B 47 3.78 3.45 5.80
C TYR B 47 2.97 2.80 6.91
N LYS B 48 2.21 1.78 6.55
CA LYS B 48 1.37 1.08 7.48
C LYS B 48 2.17 0.59 8.66
N LYS B 49 3.28 -0.07 8.37
CA LYS B 49 4.10 -0.66 9.42
C LYS B 49 4.54 0.40 10.44
N ALA B 50 5.05 1.51 9.95
N ALA B 50 5.12 1.48 9.95
CA ALA B 50 5.29 2.67 10.81
CA ALA B 50 5.84 2.47 10.76
C ALA B 50 3.92 3.25 11.20
C ALA B 50 5.17 2.83 12.07
N ALA B 51 3.25 2.55 12.12
N ALA B 51 5.83 2.52 13.19
CA ALA B 51 1.92 2.95 12.57
CA ALA B 51 7.14 1.88 13.15
C ALA B 51 1.41 2.00 13.66
C ALA B 51 7.35 0.64 14.05
N LEU B 52 6.59 0.48 15.14
CA LEU B 52 5.48 1.36 15.50
C LEU B 52 5.65 2.01 16.86
N ASP B 53 4.53 2.26 17.53
CA ASP B 53 4.51 2.96 18.82
C ASP B 53 3.79 2.15 19.91
N ALA B 54 4.42 1.97 21.07
CA ALA B 54 5.66 2.63 21.44
C ALA B 54 6.85 1.67 21.61
N GLU B 55 6.66 0.41 21.21
CA GLU B 55 7.74 -0.57 21.20
C GLU B 55 8.80 -0.22 20.16
N GLN C 2 2.22 -7.73 3.04
CA GLN C 2 3.51 -7.98 3.63
C GLN C 2 4.02 -9.36 3.24
N SER C 3 4.00 -9.65 1.95
CA SER C 3 4.08 -11.02 1.43
C SER C 3 5.44 -11.68 1.31
N ILE C 4 5.42 -13.00 1.15
CA ILE C 4 6.59 -13.87 1.06
C ILE C 4 6.16 -15.22 0.46
N ASN C 5 6.96 -15.74 -0.47
CA ASN C 5 6.71 -17.01 -1.15
C ASN C 5 7.03 -18.36 -0.49
N PHE C 6 6.79 -19.45 -1.21
CA PHE C 6 6.86 -20.72 -0.54
C PHE C 6 8.29 -20.88 -0.12
N ARG C 7 8.62 -20.24 0.98
CA ARG C 7 9.94 -20.38 1.55
C ARG C 7 9.88 -21.35 2.69
N THR C 8 10.56 -22.44 2.60
CA THR C 8 10.54 -23.43 3.65
C THR C 8 10.14 -24.80 3.11
N SER C 14 11.00 -22.84 9.48
CA SER C 14 12.33 -22.53 8.99
C SER C 14 13.03 -21.54 9.91
N GLU C 15 13.96 -20.77 9.36
CA GLU C 15 14.69 -19.77 10.13
C GLU C 15 13.87 -18.48 10.25
N VAL C 16 12.74 -18.47 9.56
CA VAL C 16 11.77 -17.39 9.63
C VAL C 16 11.45 -17.03 11.09
N LEU C 17 11.50 -18.03 11.96
CA LEU C 17 11.25 -17.83 13.38
C LEU C 17 12.41 -17.13 14.06
N ASN C 18 13.62 -17.65 13.82
CA ASN C 18 14.83 -17.07 14.40
C ASN C 18 15.00 -15.57 14.18
N ASN C 19 14.49 -15.07 13.07
CA ASN C 19 14.48 -13.64 12.79
C ASN C 19 13.08 -13.13 12.45
N VAL C 20 12.24 -13.00 13.47
CA VAL C 20 10.92 -12.41 13.29
C VAL C 20 11.10 -10.95 12.91
N GLU C 21 10.28 -10.46 11.98
CA GLU C 21 10.43 -9.10 11.46
C GLU C 21 10.44 -8.03 12.55
N ALA C 22 9.33 -7.86 13.27
CA ALA C 22 8.13 -8.66 13.07
C ALA C 22 6.95 -7.88 13.66
N GLY C 23 6.22 -7.17 12.80
CA GLY C 23 5.03 -6.49 13.24
C GLY C 23 3.98 -6.18 12.19
N GLU C 24 3.60 -7.18 11.38
CA GLU C 24 4.24 -8.49 11.38
C GLU C 24 4.41 -8.94 9.93
N GLU C 25 5.32 -9.90 9.71
CA GLU C 25 5.67 -10.33 8.35
C GLU C 25 5.59 -11.83 8.13
N VAL C 26 6.27 -12.29 7.08
CA VAL C 26 6.29 -13.69 6.66
C VAL C 26 4.91 -14.26 6.36
N GLU C 27 4.23 -13.65 5.38
CA GLU C 27 2.95 -14.15 4.90
C GLU C 27 3.20 -15.26 3.89
N ILE C 28 3.43 -16.47 4.38
CA ILE C 28 3.70 -17.56 3.48
C ILE C 28 2.58 -17.64 2.47
N THR C 29 2.93 -17.45 1.21
CA THR C 29 1.99 -17.44 0.09
C THR C 29 1.90 -18.84 -0.43
N ARG C 30 0.95 -19.10 -1.32
CA ARG C 30 0.84 -20.40 -1.97
C ARG C 30 -0.04 -20.34 -3.22
N ARG C 31 0.31 -21.11 -4.25
CA ARG C 31 -0.46 -21.07 -5.46
C ARG C 31 -1.84 -21.62 -5.21
N GLY C 32 -2.86 -20.88 -5.62
CA GLY C 32 -4.22 -21.34 -5.47
C GLY C 32 -4.56 -21.90 -4.10
N ARG C 33 -4.09 -21.22 -3.05
CA ARG C 33 -4.43 -21.61 -1.68
C ARG C 33 -4.36 -20.39 -0.78
N GLU C 34 -5.34 -20.23 0.11
CA GLU C 34 -5.34 -19.06 0.97
C GLU C 34 -4.03 -18.97 1.75
N PRO C 35 -3.37 -17.79 1.73
CA PRO C 35 -2.06 -17.66 2.36
C PRO C 35 -2.14 -17.76 3.87
N ALA C 36 -1.12 -18.35 4.49
CA ALA C 36 -1.03 -18.35 5.94
C ALA C 36 -0.07 -17.23 6.32
N VAL C 37 0.05 -17.00 7.62
CA VAL C 37 1.00 -16.07 8.19
C VAL C 37 1.73 -16.69 9.36
N ILE C 38 2.88 -16.17 9.73
CA ILE C 38 3.57 -16.67 10.92
C ILE C 38 4.07 -15.55 11.85
N VAL C 39 3.12 -14.97 12.58
CA VAL C 39 3.41 -13.84 13.45
C VAL C 39 3.76 -14.26 14.85
N SER C 40 4.61 -13.47 15.50
CA SER C 40 5.07 -13.79 16.85
C SER C 40 3.93 -13.61 17.86
N LYS C 41 4.10 -14.16 19.05
CA LYS C 41 3.09 -14.05 20.05
C LYS C 41 3.12 -12.63 20.61
N ALA C 42 4.29 -11.98 20.46
CA ALA C 42 4.43 -10.63 20.95
C ALA C 42 3.60 -9.70 20.09
N THR C 43 3.67 -9.89 18.78
CA THR C 43 2.90 -9.05 17.88
C THR C 43 1.43 -9.44 17.95
N PHE C 44 1.15 -10.70 18.27
CA PHE C 44 -0.22 -11.18 18.34
C PHE C 44 -0.80 -10.93 19.73
N GLU C 45 -1.31 -9.72 19.93
CA GLU C 45 -1.69 -9.23 21.26
C GLU C 45 -3.16 -9.42 21.59
N ALA C 46 -4.00 -9.39 20.55
CA ALA C 46 -5.41 -9.00 20.72
C ALA C 46 -6.50 -9.62 19.83
N TYR C 47 -7.71 -9.46 20.34
CA TYR C 47 -9.01 -9.72 19.71
C TYR C 47 -9.84 -8.61 20.36
N LYS C 48 -11.14 -8.65 20.31
CA LYS C 48 -12.06 -9.47 19.51
C LYS C 48 -13.37 -8.73 19.28
N LYS C 49 -13.80 -8.59 18.06
CA LYS C 49 -15.02 -7.85 17.75
C LYS C 49 -16.27 -8.63 18.18
#